data_4IO4
#
_entry.id   4IO4
#
_cell.length_a   55.357
_cell.length_b   100.279
_cell.length_c   59.890
_cell.angle_alpha   90.00
_cell.angle_beta   117.36
_cell.angle_gamma   90.00
#
_symmetry.space_group_name_H-M   'P 1 21 1'
#
loop_
_entity.id
_entity.type
_entity.pdbx_description
1 polymer 'AvGluR1 ligand binding domain'
2 non-polymer SERINE
3 non-polymer 'CHLORIDE ION'
4 non-polymer GLYCEROL
5 water water
#
_entity_poly.entity_id   1
_entity_poly.type   'polypeptide(L)'
_entity_poly.pdbx_seq_one_letter_code
;GSARLKGITLRIGVIESVPFTIVANVIDTSGRNTTKLTGYVLDLIEYLRDKMGFVADVQLAPPNTSYTGLVLALANGDYD
IAIGDITVTSARREIVAFSNSISDNSMRILMRKGTLIDGMDDLKNGKIPYNRIGIRIGTAGEDYYLREISGGSRNFYPLK
SRQEMYDSLLAGIIDVSFMDIGTAEYVTNNIYCNLTLVGEDFDKSTFGIVTPKEWLYAKDLDVNILSLRETGILDNLKKK
WFQTKACP
;
_entity_poly.pdbx_strand_id   A,B
#
loop_
_chem_comp.id
_chem_comp.type
_chem_comp.name
_chem_comp.formula
CL non-polymer 'CHLORIDE ION' 'Cl -1'
GOL non-polymer GLYCEROL 'C3 H8 O3'
#
# COMPACT_ATOMS: atom_id res chain seq x y z
N SER A 2 -19.31 5.50 15.33
CA SER A 2 -18.92 5.88 13.98
C SER A 2 -20.02 6.67 13.24
N ALA A 3 -21.01 5.96 12.69
CA ALA A 3 -22.15 6.60 12.00
C ALA A 3 -21.80 7.23 10.64
N ARG A 4 -22.81 7.79 10.00
CA ARG A 4 -22.69 8.24 8.62
C ARG A 4 -22.46 9.77 8.47
N LEU A 5 -21.78 10.12 7.41
CA LEU A 5 -21.48 11.49 7.09
C LEU A 5 -22.45 12.09 6.10
N LYS A 6 -23.54 11.38 5.84
CA LYS A 6 -24.54 11.88 4.92
C LYS A 6 -25.05 13.22 5.44
N GLY A 7 -24.93 14.24 4.61
CA GLY A 7 -25.40 15.56 4.98
C GLY A 7 -24.42 16.38 5.80
N ILE A 8 -23.30 15.79 6.21
CA ILE A 8 -22.30 16.49 7.00
C ILE A 8 -21.27 17.20 6.14
N THR A 9 -20.98 18.46 6.48
CA THR A 9 -19.95 19.21 5.75
C THR A 9 -18.54 18.83 6.20
N LEU A 10 -17.67 18.49 5.25
CA LEU A 10 -16.24 18.24 5.52
C LEU A 10 -15.42 19.29 4.83
N ARG A 11 -14.53 19.93 5.60
CA ARG A 11 -13.51 20.84 5.09
C ARG A 11 -12.38 19.93 4.64
N ILE A 12 -12.17 19.90 3.32
CA ILE A 12 -11.19 19.00 2.70
C ILE A 12 -10.00 19.77 2.21
N GLY A 13 -8.86 19.60 2.86
CA GLY A 13 -7.65 20.26 2.42
C GLY A 13 -7.08 19.57 1.16
N VAL A 14 -6.72 20.36 0.16
CA VAL A 14 -5.99 19.83 -1.02
C VAL A 14 -4.77 20.69 -1.27
N ILE A 15 -3.83 20.15 -2.03
CA ILE A 15 -2.57 20.82 -2.25
C ILE A 15 -2.18 20.69 -3.75
N GLU A 16 -1.78 21.80 -4.35
N GLU A 16 -1.67 21.79 -4.30
CA GLU A 16 -1.54 21.81 -5.79
CA GLU A 16 -1.37 21.96 -5.73
C GLU A 16 -0.43 20.83 -6.10
C GLU A 16 -0.31 20.95 -6.23
N SER A 17 -0.71 20.02 -7.10
CA SER A 17 0.21 19.03 -7.64
C SER A 17 -0.38 18.39 -8.89
N VAL A 18 0.02 18.86 -10.05
CA VAL A 18 -0.47 18.32 -11.31
C VAL A 18 -0.04 16.85 -11.44
N PRO A 19 -0.97 15.95 -11.81
CA PRO A 19 -2.39 16.12 -12.14
C PRO A 19 -3.34 15.63 -11.04
N PHE A 20 -2.86 15.54 -9.81
CA PHE A 20 -3.69 15.30 -8.63
C PHE A 20 -4.63 16.48 -8.39
N THR A 21 -4.05 17.67 -8.27
CA THR A 21 -4.81 18.86 -8.01
C THR A 21 -4.21 19.99 -8.82
N ILE A 22 -5.02 20.42 -9.78
CA ILE A 22 -4.63 21.33 -10.82
C ILE A 22 -5.39 22.62 -10.59
N VAL A 23 -4.66 23.73 -10.53
CA VAL A 23 -5.20 25.03 -10.15
C VAL A 23 -5.09 25.92 -11.35
N ALA A 24 -6.21 26.44 -11.84
CA ALA A 24 -6.16 27.34 -12.97
C ALA A 24 -6.75 28.67 -12.58
N ASN A 25 -6.12 29.74 -13.02
CA ASN A 25 -6.64 31.08 -12.77
C ASN A 25 -7.25 31.63 -14.03
N VAL A 26 -8.50 32.04 -13.92
CA VAL A 26 -9.27 32.44 -15.09
C VAL A 26 -9.73 33.86 -14.84
N ILE A 27 -9.86 34.64 -15.90
CA ILE A 27 -10.13 36.07 -15.76
C ILE A 27 -11.35 36.53 -16.59
N ASP A 28 -11.90 37.69 -16.22
CA ASP A 28 -13.06 38.27 -16.91
C ASP A 28 -12.66 38.93 -18.21
N ARG A 32 -11.87 40.57 -13.24
CA ARG A 32 -12.04 39.80 -12.00
C ARG A 32 -11.51 38.36 -12.11
N ASN A 33 -10.78 37.94 -11.08
CA ASN A 33 -10.11 36.64 -11.07
C ASN A 33 -10.86 35.57 -10.27
N THR A 34 -10.85 34.35 -10.80
CA THR A 34 -11.40 33.22 -10.08
C THR A 34 -10.54 32.02 -10.33
N THR A 35 -10.64 31.07 -9.42
CA THR A 35 -9.76 29.91 -9.45
C THR A 35 -10.59 28.67 -9.67
N LYS A 36 -10.08 27.77 -10.50
CA LYS A 36 -10.73 26.49 -10.78
C LYS A 36 -9.82 25.33 -10.42
N LEU A 37 -10.39 24.31 -9.79
CA LEU A 37 -9.65 23.11 -9.38
C LEU A 37 -10.16 21.92 -10.16
N THR A 38 -9.23 21.12 -10.67
CA THR A 38 -9.57 19.88 -11.37
C THR A 38 -8.49 18.83 -11.03
N GLY A 39 -8.71 17.60 -11.44
CA GLY A 39 -7.68 16.59 -11.29
C GLY A 39 -8.19 15.33 -10.61
N TYR A 40 -7.27 14.37 -10.50
CA TYR A 40 -7.51 13.10 -9.86
C TYR A 40 -8.19 13.28 -8.48
N VAL A 41 -7.66 14.19 -7.68
CA VAL A 41 -8.18 14.38 -6.34
C VAL A 41 -9.60 14.91 -6.36
N LEU A 42 -9.86 15.83 -7.29
CA LEU A 42 -11.19 16.41 -7.36
C LEU A 42 -12.22 15.33 -7.80
N ASP A 43 -11.81 14.47 -8.73
CA ASP A 43 -12.69 13.40 -9.17
C ASP A 43 -12.91 12.38 -8.02
N LEU A 44 -11.86 12.08 -7.27
CA LEU A 44 -11.95 11.16 -6.14
C LEU A 44 -12.93 11.70 -5.08
N ILE A 45 -12.83 12.98 -4.77
CA ILE A 45 -13.78 13.61 -3.86
C ILE A 45 -15.21 13.41 -4.34
N GLU A 46 -15.46 13.62 -5.64
CA GLU A 46 -16.78 13.41 -6.20
C GLU A 46 -17.29 11.97 -5.98
N TYR A 47 -16.44 10.99 -6.25
CA TYR A 47 -16.81 9.57 -6.09
C TYR A 47 -17.16 9.25 -4.63
N LEU A 48 -16.36 9.77 -3.70
CA LEU A 48 -16.55 9.52 -2.29
C LEU A 48 -17.82 10.22 -1.80
N ARG A 49 -18.04 11.42 -2.30
CA ARG A 49 -19.22 12.19 -1.93
C ARG A 49 -20.50 11.49 -2.40
N ASP A 50 -20.46 10.95 -3.60
N ASP A 50 -20.47 10.98 -3.62
CA ASP A 50 -21.63 10.30 -4.18
CA ASP A 50 -21.62 10.28 -4.16
C ASP A 50 -21.92 8.96 -3.51
C ASP A 50 -21.96 9.09 -3.29
N LYS A 51 -20.93 8.40 -2.81
CA LYS A 51 -21.15 7.18 -2.06
C LYS A 51 -21.50 7.47 -0.63
N MET A 52 -20.89 8.51 -0.09
CA MET A 52 -20.94 8.74 1.35
C MET A 52 -21.95 9.83 1.73
N GLY A 53 -22.30 10.69 0.78
CA GLY A 53 -23.32 11.71 1.01
C GLY A 53 -22.89 12.92 1.83
N PHE A 54 -21.60 13.07 2.11
CA PHE A 54 -21.13 14.29 2.77
C PHE A 54 -21.23 15.53 1.86
N VAL A 55 -21.09 16.69 2.46
CA VAL A 55 -21.00 17.92 1.68
C VAL A 55 -19.56 18.38 1.67
N ALA A 56 -19.01 18.58 0.49
CA ALA A 56 -17.59 18.85 0.34
C ALA A 56 -17.32 20.35 0.34
N ASP A 57 -16.47 20.79 1.25
CA ASP A 57 -15.99 22.18 1.22
C ASP A 57 -14.49 22.08 0.95
N VAL A 58 -14.14 22.21 -0.33
CA VAL A 58 -12.78 21.97 -0.77
C VAL A 58 -11.95 23.21 -0.61
N GLN A 59 -10.85 23.06 0.09
N GLN A 59 -10.84 23.06 0.09
CA GLN A 59 -10.02 24.20 0.41
CA GLN A 59 -10.01 24.20 0.49
C GLN A 59 -8.60 23.92 -0.03
C GLN A 59 -8.54 24.01 0.10
N LEU A 60 -8.10 24.79 -0.89
CA LEU A 60 -6.77 24.68 -1.44
C LEU A 60 -5.77 25.30 -0.44
N ALA A 61 -4.73 24.56 -0.09
CA ALA A 61 -3.70 25.09 0.80
C ALA A 61 -2.95 26.25 0.15
N PRO A 62 -2.57 27.26 0.94
CA PRO A 62 -1.86 28.42 0.37
C PRO A 62 -0.63 28.00 -0.42
N PRO A 63 -0.18 28.87 -1.33
CA PRO A 63 1.01 28.51 -2.11
C PRO A 63 2.24 28.28 -1.22
N ASN A 64 3.07 27.36 -1.66
CA ASN A 64 4.29 26.99 -0.92
C ASN A 64 4.03 26.28 0.43
N THR A 65 2.77 26.00 0.78
CA THR A 65 2.50 25.05 1.87
C THR A 65 3.24 23.75 1.59
N SER A 66 3.92 23.21 2.59
CA SER A 66 4.60 21.93 2.40
C SER A 66 3.68 20.79 2.75
N TYR A 67 4.09 19.56 2.47
CA TYR A 67 3.24 18.40 2.76
C TYR A 67 3.10 18.18 4.27
N THR A 68 4.23 18.34 4.95
CA THR A 68 4.22 18.27 6.40
C THR A 68 3.38 19.41 6.97
N GLY A 69 3.45 20.58 6.34
CA GLY A 69 2.65 21.72 6.74
C GLY A 69 1.16 21.44 6.63
N LEU A 70 0.77 20.78 5.55
CA LEU A 70 -0.65 20.42 5.37
C LEU A 70 -1.13 19.48 6.48
N VAL A 71 -0.33 18.47 6.74
CA VAL A 71 -0.60 17.55 7.82
C VAL A 71 -0.71 18.27 9.17
N LEU A 72 0.22 19.18 9.43
CA LEU A 72 0.15 19.91 10.70
C LEU A 72 -1.09 20.81 10.78
N ALA A 73 -1.45 21.42 9.67
CA ALA A 73 -2.64 22.27 9.62
C ALA A 73 -3.88 21.43 9.94
N LEU A 74 -3.96 20.22 9.42
CA LEU A 74 -5.06 19.37 9.77
C LEU A 74 -5.03 19.03 11.27
N ALA A 75 -3.85 18.70 11.80
CA ALA A 75 -3.75 18.32 13.21
C ALA A 75 -4.23 19.50 14.08
N ASN A 76 -4.04 20.71 13.57
CA ASN A 76 -4.39 21.93 14.26
C ASN A 76 -5.86 22.29 14.14
N GLY A 77 -6.61 21.50 13.38
CA GLY A 77 -8.03 21.72 13.16
C GLY A 77 -8.42 22.60 11.96
N ASP A 78 -7.48 22.90 11.06
CA ASP A 78 -7.81 23.74 9.91
C ASP A 78 -8.68 23.02 8.85
N TYR A 79 -8.63 21.68 8.82
CA TYR A 79 -9.35 20.85 7.87
C TYR A 79 -9.90 19.67 8.64
N ASP A 80 -10.94 19.04 8.11
CA ASP A 80 -11.42 17.78 8.65
C ASP A 80 -10.68 16.57 8.07
N ILE A 81 -10.45 16.55 6.75
CA ILE A 81 -9.58 15.57 6.11
C ILE A 81 -8.71 16.31 5.09
N ALA A 82 -7.65 15.67 4.64
CA ALA A 82 -6.82 16.22 3.58
C ALA A 82 -6.51 15.06 2.59
N ILE A 83 -6.66 15.36 1.30
CA ILE A 83 -6.56 14.36 0.26
C ILE A 83 -5.59 14.87 -0.78
N GLY A 84 -4.58 14.06 -1.09
CA GLY A 84 -3.70 14.39 -2.16
C GLY A 84 -2.62 13.32 -2.30
N ASP A 85 -1.52 13.68 -2.92
CA ASP A 85 -0.38 12.78 -3.03
C ASP A 85 0.47 12.87 -1.76
N ILE A 86 -0.12 12.42 -0.65
CA ILE A 86 0.42 12.62 0.67
C ILE A 86 0.95 11.27 1.18
N THR A 87 2.27 11.20 1.35
CA THR A 87 2.93 10.00 1.78
C THR A 87 2.67 9.68 3.23
N VAL A 88 2.30 8.43 3.50
CA VAL A 88 2.14 7.99 4.88
C VAL A 88 3.52 7.77 5.50
N THR A 89 3.85 8.48 6.57
CA THR A 89 5.14 8.32 7.26
C THR A 89 4.97 8.13 8.76
N SER A 90 5.97 7.53 9.40
N SER A 90 5.97 7.54 9.38
CA SER A 90 5.93 7.29 10.84
CA SER A 90 5.94 7.28 10.81
C SER A 90 5.77 8.61 11.63
C SER A 90 5.79 8.59 11.62
N ALA A 91 6.54 9.62 11.24
CA ALA A 91 6.49 10.90 11.95
C ALA A 91 5.10 11.55 11.84
N ARG A 92 4.49 11.47 10.65
CA ARG A 92 3.16 12.04 10.46
C ARG A 92 2.10 11.26 11.24
N ARG A 93 2.24 9.94 11.30
CA ARG A 93 1.26 9.09 11.98
C ARG A 93 1.23 9.37 13.49
N GLU A 94 2.30 9.96 14.03
CA GLU A 94 2.30 10.36 15.44
C GLU A 94 1.24 11.40 15.75
N ILE A 95 0.89 12.21 14.74
CA ILE A 95 0.01 13.36 14.99
C ILE A 95 -1.31 13.37 14.22
N VAL A 96 -1.44 12.49 13.23
CA VAL A 96 -2.68 12.29 12.48
C VAL A 96 -2.82 10.82 12.14
N ALA A 97 -4.01 10.44 11.71
CA ALA A 97 -4.24 9.08 11.19
C ALA A 97 -4.32 9.16 9.69
N PHE A 98 -4.22 8.01 9.06
CA PHE A 98 -4.30 7.94 7.60
C PHE A 98 -5.31 6.89 7.19
N SER A 99 -6.07 7.15 6.14
CA SER A 99 -7.01 6.17 5.64
C SER A 99 -6.26 4.99 5.02
N ASN A 100 -6.96 3.93 4.65
N ASN A 100 -7.02 3.99 4.62
CA ASN A 100 -6.33 2.91 3.85
CA ASN A 100 -6.51 2.98 3.75
C ASN A 100 -5.78 3.59 2.62
C ASN A 100 -5.79 3.64 2.59
N SER A 101 -4.78 2.97 2.03
CA SER A 101 -4.01 3.59 0.96
CA SER A 101 -4.00 3.59 0.96
C SER A 101 -4.83 3.85 -0.29
N ILE A 102 -4.62 5.00 -0.89
CA ILE A 102 -5.29 5.25 -2.15
C ILE A 102 -4.38 4.92 -3.28
N SER A 103 -3.11 4.67 -3.00
CA SER A 103 -2.18 4.36 -4.09
C SER A 103 -0.86 3.94 -3.50
N ASP A 104 -0.17 3.03 -4.16
CA ASP A 104 1.20 2.75 -3.79
C ASP A 104 2.09 3.91 -4.29
N ASN A 105 3.35 3.93 -3.88
CA ASN A 105 4.22 5.04 -4.26
C ASN A 105 5.67 4.60 -4.13
N SER A 106 6.55 5.39 -4.73
CA SER A 106 7.99 5.27 -4.51
C SER A 106 8.57 6.52 -5.12
N MET A 107 9.88 6.74 -4.95
CA MET A 107 10.48 7.97 -5.45
CA MET A 107 10.49 7.96 -5.46
C MET A 107 11.53 7.64 -6.51
N ARG A 108 11.80 8.63 -7.34
CA ARG A 108 12.85 8.59 -8.35
C ARG A 108 13.68 9.87 -8.27
N ILE A 109 14.90 9.77 -8.77
CA ILE A 109 15.79 10.91 -8.92
C ILE A 109 15.44 11.64 -10.21
N LEU A 110 15.27 12.95 -10.08
CA LEU A 110 14.96 13.86 -11.19
C LEU A 110 16.22 14.66 -11.54
N MET A 111 16.50 14.81 -12.82
CA MET A 111 17.69 15.53 -13.25
C MET A 111 17.49 16.09 -14.65
N ARG A 112 18.39 16.96 -15.08
CA ARG A 112 18.35 17.41 -16.47
C ARG A 112 18.78 16.29 -17.38
N LYS A 113 18.14 16.18 -18.53
CA LYS A 113 18.62 15.29 -19.58
C LYS A 113 20.09 15.49 -19.88
N GLY A 114 20.78 14.36 -20.04
CA GLY A 114 22.19 14.31 -20.39
C GLY A 114 23.11 14.30 -19.19
N THR A 115 22.57 14.48 -17.98
CA THR A 115 23.41 14.58 -16.81
C THR A 115 24.03 13.21 -16.54
N LEU A 116 25.33 13.17 -16.24
CA LEU A 116 26.05 11.90 -16.10
C LEU A 116 26.05 11.36 -14.67
N ILE A 117 24.87 10.89 -14.30
CA ILE A 117 24.54 10.31 -13.00
C ILE A 117 23.85 8.98 -13.33
N ASP A 118 24.23 7.88 -12.70
CA ASP A 118 23.57 6.61 -12.96
C ASP A 118 22.60 6.22 -11.86
N GLY A 119 22.68 6.90 -10.72
CA GLY A 119 21.73 6.59 -9.67
C GLY A 119 22.11 7.09 -8.29
N MET A 120 21.43 6.54 -7.29
CA MET A 120 21.58 7.00 -5.92
C MET A 120 23.03 6.92 -5.42
N ASP A 121 23.77 5.95 -5.94
CA ASP A 121 25.19 5.81 -5.57
C ASP A 121 25.97 7.10 -5.77
N ASP A 122 25.61 7.87 -6.78
CA ASP A 122 26.37 9.09 -7.11
C ASP A 122 26.04 10.24 -6.15
N LEU A 123 24.91 10.17 -5.46
CA LEU A 123 24.60 11.16 -4.44
C LEU A 123 25.35 10.90 -3.13
N LYS A 124 25.76 9.66 -2.91
CA LYS A 124 26.50 9.29 -1.71
C LYS A 124 28.01 9.39 -1.87
N ASN A 125 28.48 9.10 -3.08
N ASN A 125 28.49 9.09 -3.06
CA ASN A 125 29.91 9.04 -3.34
CA ASN A 125 29.93 9.04 -3.28
C ASN A 125 30.54 10.43 -3.51
C ASN A 125 30.52 10.42 -3.57
N GLY A 126 29.71 11.47 -3.43
CA GLY A 126 30.21 12.83 -3.56
C GLY A 126 30.47 13.34 -4.97
N LYS A 127 30.01 12.60 -5.98
CA LYS A 127 30.07 13.09 -7.34
C LYS A 127 29.26 14.39 -7.45
N ILE A 128 28.23 14.54 -6.61
CA ILE A 128 27.44 15.78 -6.55
C ILE A 128 27.58 16.43 -5.17
N PRO A 129 28.17 17.62 -5.09
CA PRO A 129 28.26 18.25 -3.77
C PRO A 129 26.87 18.44 -3.16
N TYR A 130 26.79 18.33 -1.84
CA TYR A 130 25.51 18.35 -1.18
C TYR A 130 24.67 19.56 -1.60
N ASN A 131 25.31 20.71 -1.77
CA ASN A 131 24.57 21.96 -2.07
C ASN A 131 23.97 21.95 -3.46
N ARG A 132 24.29 20.93 -4.28
CA ARG A 132 23.66 20.76 -5.59
C ARG A 132 22.63 19.61 -5.62
N ILE A 133 22.26 19.15 -4.44
CA ILE A 133 21.13 18.25 -4.29
C ILE A 133 19.98 19.06 -3.74
N GLY A 134 18.99 19.30 -4.58
CA GLY A 134 17.82 20.03 -4.13
C GLY A 134 16.81 19.14 -3.43
N ILE A 135 16.31 19.59 -2.29
CA ILE A 135 15.35 18.78 -1.52
C ILE A 135 14.25 19.68 -1.05
N ARG A 136 13.02 19.35 -1.43
CA ARG A 136 11.89 20.10 -0.96
C ARG A 136 11.67 19.86 0.54
N ILE A 137 11.76 20.90 1.34
CA ILE A 137 11.58 20.73 2.77
C ILE A 137 10.12 20.35 3.08
N GLY A 138 9.94 19.58 4.14
CA GLY A 138 8.63 19.14 4.60
C GLY A 138 8.02 18.09 3.68
N THR A 139 8.86 17.29 3.05
CA THR A 139 8.42 16.18 2.23
C THR A 139 9.10 14.91 2.67
N ALA A 140 8.56 13.80 2.22
CA ALA A 140 9.12 12.51 2.55
C ALA A 140 10.51 12.36 1.95
N GLY A 141 10.75 13.02 0.82
CA GLY A 141 12.09 13.07 0.24
C GLY A 141 13.15 13.64 1.18
N GLU A 142 12.79 14.66 1.93
CA GLU A 142 13.68 15.20 2.93
C GLU A 142 14.02 14.15 3.96
N ASP A 143 12.99 13.46 4.48
CA ASP A 143 13.20 12.44 5.50
C ASP A 143 14.20 11.38 4.94
N TYR A 144 13.99 10.95 3.70
CA TYR A 144 14.87 9.95 3.08
C TYR A 144 16.31 10.46 2.94
N TYR A 145 16.47 11.69 2.44
CA TYR A 145 17.79 12.28 2.34
C TYR A 145 18.55 12.23 3.67
N LEU A 146 17.88 12.63 4.73
CA LEU A 146 18.51 12.75 6.02
C LEU A 146 18.92 11.39 6.55
N ARG A 147 18.08 10.37 6.37
N ARG A 147 18.03 10.43 6.33
CA ARG A 147 18.42 9.05 6.89
CA ARG A 147 18.15 9.04 6.75
C ARG A 147 19.44 8.33 6.03
C ARG A 147 19.29 8.32 6.02
N GLU A 148 19.34 8.47 4.71
CA GLU A 148 20.17 7.63 3.82
C GLU A 148 21.40 8.30 3.20
N ILE A 149 21.36 9.62 3.03
CA ILE A 149 22.46 10.31 2.35
C ILE A 149 23.37 11.08 3.33
N SER A 150 22.80 11.94 4.15
CA SER A 150 23.61 12.91 4.90
C SER A 150 23.78 12.63 6.40
N GLY A 151 23.28 11.52 6.89
CA GLY A 151 23.39 11.18 8.30
C GLY A 151 22.80 12.23 9.25
N GLY A 152 21.66 12.83 8.88
CA GLY A 152 20.98 13.78 9.73
C GLY A 152 21.34 15.24 9.46
N SER A 153 22.38 15.46 8.67
CA SER A 153 22.83 16.83 8.36
C SER A 153 21.95 17.51 7.29
N ARG A 154 21.36 18.65 7.64
CA ARG A 154 20.54 19.38 6.69
CA ARG A 154 20.54 19.38 6.68
C ARG A 154 21.45 20.24 5.81
N ASN A 155 22.21 19.59 4.93
CA ASN A 155 23.25 20.25 4.16
C ASN A 155 22.91 20.37 2.66
N PHE A 156 21.65 20.08 2.33
CA PHE A 156 21.16 20.15 0.95
C PHE A 156 20.76 21.59 0.58
N TYR A 157 20.37 21.72 -0.68
CA TYR A 157 19.82 22.97 -1.21
C TYR A 157 18.31 22.94 -0.99
N PRO A 158 17.80 23.78 -0.09
CA PRO A 158 16.40 23.61 0.29
C PRO A 158 15.48 24.17 -0.78
N LEU A 159 14.35 23.52 -1.02
CA LEU A 159 13.37 23.99 -1.99
C LEU A 159 11.99 24.14 -1.36
N LYS A 160 11.29 25.22 -1.71
CA LYS A 160 9.99 25.51 -1.08
C LYS A 160 8.81 24.97 -1.89
N SER A 161 9.06 24.45 -3.09
CA SER A 161 7.96 23.96 -3.91
C SER A 161 8.50 23.21 -5.11
N ARG A 162 7.62 22.52 -5.83
CA ARG A 162 8.03 21.84 -7.06
C ARG A 162 8.50 22.87 -8.07
N GLN A 163 7.79 23.99 -8.17
CA GLN A 163 8.23 25.03 -9.10
C GLN A 163 9.68 25.41 -8.85
N GLU A 164 10.06 25.65 -7.60
CA GLU A 164 11.43 26.04 -7.33
C GLU A 164 12.38 24.92 -7.71
N MET A 165 11.92 23.70 -7.51
CA MET A 165 12.71 22.54 -7.88
C MET A 165 12.99 22.54 -9.39
N TYR A 166 11.96 22.71 -10.20
CA TYR A 166 12.15 22.69 -11.66
C TYR A 166 13.04 23.83 -12.13
N ASP A 167 12.73 25.03 -11.63
CA ASP A 167 13.48 26.23 -11.97
C ASP A 167 14.95 26.03 -11.64
N SER A 168 15.23 25.52 -10.44
CA SER A 168 16.62 25.38 -9.99
C SER A 168 17.42 24.41 -10.87
N LEU A 169 16.83 23.24 -11.14
CA LEU A 169 17.44 22.30 -12.09
C LEU A 169 17.71 22.93 -13.44
N LEU A 170 16.68 23.56 -14.00
CA LEU A 170 16.83 24.09 -15.34
C LEU A 170 17.83 25.26 -15.37
N ALA A 171 17.94 25.99 -14.25
CA ALA A 171 18.93 27.09 -14.21
C ALA A 171 20.33 26.57 -13.86
N GLY A 172 20.45 25.29 -13.55
CA GLY A 172 21.76 24.70 -13.29
C GLY A 172 22.26 25.01 -11.89
N ILE A 173 21.34 25.38 -11.01
CA ILE A 173 21.68 25.63 -9.61
C ILE A 173 21.81 24.33 -8.82
N ILE A 174 20.97 23.34 -9.11
CA ILE A 174 21.13 22.01 -8.54
C ILE A 174 21.26 20.99 -9.68
N ASP A 175 21.76 19.80 -9.39
CA ASP A 175 21.91 18.74 -10.42
C ASP A 175 20.84 17.66 -10.30
N VAL A 176 20.27 17.49 -9.11
CA VAL A 176 19.28 16.45 -8.88
C VAL A 176 18.29 16.86 -7.82
N SER A 177 17.12 16.22 -7.86
CA SER A 177 16.19 16.26 -6.76
C SER A 177 15.46 14.91 -6.70
N PHE A 178 14.52 14.79 -5.76
CA PHE A 178 13.66 13.61 -5.64
C PHE A 178 12.20 13.93 -5.93
N MET A 179 11.50 13.00 -6.60
CA MET A 179 10.06 13.14 -6.85
C MET A 179 9.37 11.80 -6.71
N ASP A 180 8.10 11.84 -6.31
CA ASP A 180 7.27 10.66 -6.32
C ASP A 180 7.15 10.21 -7.74
N ILE A 181 7.05 8.90 -7.91
CA ILE A 181 7.08 8.31 -9.23
C ILE A 181 5.93 8.72 -10.14
N GLY A 182 4.72 8.80 -9.62
CA GLY A 182 3.58 9.09 -10.46
C GLY A 182 3.71 10.47 -11.07
N THR A 183 3.98 11.47 -10.24
CA THR A 183 4.11 12.83 -10.76
C THR A 183 5.42 13.01 -11.53
N ALA A 184 6.47 12.31 -11.11
CA ALA A 184 7.75 12.38 -11.81
C ALA A 184 7.58 12.00 -13.28
N GLU A 185 6.94 10.86 -13.51
CA GLU A 185 6.60 10.42 -14.86
C GLU A 185 5.72 11.44 -15.57
N TYR A 186 4.70 11.95 -14.89
CA TYR A 186 3.78 12.90 -15.52
C TYR A 186 4.50 14.14 -16.01
N VAL A 187 5.27 14.74 -15.11
CA VAL A 187 5.90 16.02 -15.38
C VAL A 187 6.98 15.90 -16.48
N THR A 188 7.75 14.81 -16.44
CA THR A 188 8.79 14.61 -17.45
C THR A 188 8.23 14.08 -18.77
N ASN A 189 7.00 13.59 -18.78
CA ASN A 189 6.37 13.17 -20.04
C ASN A 189 5.44 14.21 -20.65
N ASN A 190 5.10 15.24 -19.88
CA ASN A 190 4.15 16.22 -20.36
C ASN A 190 4.57 17.68 -20.22
N ILE A 191 5.39 18.00 -19.24
CA ILE A 191 5.69 19.40 -18.98
C ILE A 191 7.14 19.79 -19.24
N TYR A 192 8.08 19.07 -18.62
CA TYR A 192 9.52 19.35 -18.82
C TYR A 192 10.23 18.24 -19.61
N CYS A 193 10.19 18.38 -20.93
CA CYS A 193 10.78 17.40 -21.85
C CYS A 193 12.31 17.31 -21.75
N ASN A 194 12.92 18.26 -21.07
CA ASN A 194 14.38 18.26 -20.92
C ASN A 194 14.81 17.93 -19.51
N LEU A 195 13.85 17.45 -18.70
CA LEU A 195 14.17 16.83 -17.44
C LEU A 195 13.84 15.37 -17.59
N THR A 196 14.49 14.54 -16.77
CA THR A 196 14.35 13.10 -16.90
C THR A 196 14.55 12.42 -15.56
N LEU A 197 14.30 11.11 -15.53
CA LEU A 197 14.45 10.35 -14.31
C LEU A 197 15.59 9.35 -14.46
N VAL A 198 16.26 8.99 -13.37
CA VAL A 198 17.33 8.03 -13.47
C VAL A 198 17.39 7.20 -12.22
N GLY A 199 17.92 5.98 -12.35
CA GLY A 199 18.18 5.12 -11.20
C GLY A 199 16.97 4.31 -10.76
N GLU A 200 17.15 3.46 -9.76
CA GLU A 200 16.10 2.59 -9.29
C GLU A 200 15.14 3.38 -8.47
N ASP A 201 13.87 2.96 -8.41
N ASP A 201 13.89 2.90 -8.42
CA ASP A 201 12.96 3.66 -7.51
CA ASP A 201 12.87 3.40 -7.48
C ASP A 201 13.30 3.27 -6.08
C ASP A 201 13.46 3.32 -6.06
N PHE A 202 13.01 4.18 -5.15
CA PHE A 202 13.39 4.04 -3.75
C PHE A 202 12.26 4.53 -2.86
N ASP A 203 12.33 4.16 -1.60
CA ASP A 203 11.37 4.56 -0.57
C ASP A 203 9.94 4.12 -0.95
N LYS A 204 9.75 2.82 -1.14
CA LYS A 204 8.41 2.29 -1.36
C LYS A 204 7.50 2.67 -0.19
N SER A 205 6.34 3.21 -0.53
CA SER A 205 5.44 3.83 0.43
C SER A 205 4.01 3.82 -0.12
N THR A 206 3.12 4.54 0.55
CA THR A 206 1.74 4.69 0.09
C THR A 206 1.27 6.11 0.29
N PHE A 207 0.25 6.48 -0.44
CA PHE A 207 -0.47 7.71 -0.21
C PHE A 207 -1.73 7.36 0.56
N GLY A 208 -2.08 8.17 1.54
CA GLY A 208 -3.32 8.00 2.27
C GLY A 208 -4.03 9.34 2.46
N ILE A 209 -5.33 9.30 2.69
CA ILE A 209 -6.07 10.47 3.09
C ILE A 209 -5.79 10.74 4.56
N VAL A 210 -5.48 12.01 4.89
CA VAL A 210 -5.18 12.39 6.24
C VAL A 210 -6.49 12.64 6.99
N THR A 211 -6.61 12.05 8.18
CA THR A 211 -7.72 12.31 9.08
C THR A 211 -7.23 12.58 10.50
N PRO A 212 -8.09 13.15 11.35
CA PRO A 212 -7.65 13.24 12.75
C PRO A 212 -7.41 11.86 13.36
N LYS A 213 -6.55 11.79 14.36
CA LYS A 213 -6.40 10.60 15.17
C LYS A 213 -7.72 10.22 15.79
N GLU A 214 -7.99 8.92 15.83
CA GLU A 214 -9.17 8.39 16.51
C GLU A 214 -10.47 8.99 15.96
N TRP A 215 -10.50 9.21 14.65
CA TRP A 215 -11.61 9.86 14.00
C TRP A 215 -12.84 8.97 14.03
N LEU A 216 -13.97 9.55 14.38
CA LEU A 216 -15.19 8.78 14.49
C LEU A 216 -15.62 8.13 13.17
N TYR A 217 -15.19 8.70 12.05
CA TYR A 217 -15.66 8.22 10.75
C TYR A 217 -14.64 7.42 9.99
N ALA A 218 -13.61 6.94 10.70
CA ALA A 218 -12.51 6.28 10.03
C ALA A 218 -12.98 5.05 9.25
N LYS A 219 -13.87 4.27 9.87
CA LYS A 219 -14.35 3.05 9.21
C LYS A 219 -15.10 3.39 7.94
N ASP A 220 -15.96 4.39 8.05
CA ASP A 220 -16.82 4.76 6.92
C ASP A 220 -15.97 5.17 5.71
N LEU A 221 -14.93 5.98 5.95
CA LEU A 221 -14.04 6.35 4.86
C LEU A 221 -13.24 5.17 4.32
N ASP A 222 -12.71 4.34 5.21
CA ASP A 222 -11.87 3.23 4.79
C ASP A 222 -12.68 2.25 3.94
N VAL A 223 -13.89 1.95 4.37
CA VAL A 223 -14.72 0.98 3.65
C VAL A 223 -14.97 1.46 2.25
N ASN A 224 -15.23 2.75 2.12
CA ASN A 224 -15.52 3.34 0.81
C ASN A 224 -14.31 3.40 -0.11
N ILE A 225 -13.14 3.70 0.42
CA ILE A 225 -11.91 3.72 -0.39
C ILE A 225 -11.64 2.31 -0.88
N LEU A 226 -11.76 1.33 0.00
CA LEU A 226 -11.55 -0.06 -0.38
C LEU A 226 -12.52 -0.49 -1.49
N SER A 227 -13.78 -0.04 -1.39
CA SER A 227 -14.76 -0.33 -2.42
CA SER A 227 -14.76 -0.33 -2.43
C SER A 227 -14.37 0.28 -3.78
N LEU A 228 -13.91 1.52 -3.78
CA LEU A 228 -13.42 2.14 -5.02
C LEU A 228 -12.23 1.36 -5.60
N ARG A 229 -11.38 0.84 -4.72
CA ARG A 229 -10.23 0.04 -5.15
C ARG A 229 -10.75 -1.23 -5.80
N GLU A 230 -11.61 -1.91 -5.07
CA GLU A 230 -12.07 -3.22 -5.50
C GLU A 230 -12.89 -3.19 -6.80
N THR A 231 -13.63 -2.11 -7.03
CA THR A 231 -14.51 -2.06 -8.20
C THR A 231 -13.78 -1.36 -9.35
N GLY A 232 -12.51 -1.02 -9.14
CA GLY A 232 -11.66 -0.53 -10.22
C GLY A 232 -11.71 0.96 -10.50
N ILE A 233 -12.38 1.74 -9.64
CA ILE A 233 -12.49 3.18 -9.87
C ILE A 233 -11.13 3.86 -9.70
N LEU A 234 -10.36 3.46 -8.71
CA LEU A 234 -9.07 4.09 -8.50
C LEU A 234 -8.16 3.83 -9.71
N ASP A 235 -8.24 2.65 -10.29
CA ASP A 235 -7.48 2.37 -11.53
C ASP A 235 -7.93 3.25 -12.69
N ASN A 236 -9.25 3.34 -12.89
CA ASN A 236 -9.79 4.22 -13.90
C ASN A 236 -9.30 5.65 -13.76
N LEU A 237 -9.30 6.18 -12.53
CA LEU A 237 -8.90 7.56 -12.30
C LEU A 237 -7.42 7.76 -12.59
N LYS A 238 -6.63 6.78 -12.19
CA LYS A 238 -5.19 6.81 -12.48
C LYS A 238 -4.96 6.86 -13.99
N LYS A 239 -5.64 5.98 -14.72
CA LYS A 239 -5.52 5.96 -16.17
C LYS A 239 -5.94 7.30 -16.77
N LYS A 240 -7.05 7.85 -16.28
CA LYS A 240 -7.59 9.08 -16.84
C LYS A 240 -6.58 10.25 -16.73
N TRP A 241 -6.00 10.41 -15.55
CA TRP A 241 -5.24 11.61 -15.29
C TRP A 241 -3.75 11.45 -15.59
N PHE A 242 -3.26 10.21 -15.63
CA PHE A 242 -1.80 9.97 -15.72
C PHE A 242 -1.32 9.30 -16.99
N GLN A 243 -2.23 8.66 -17.72
CA GLN A 243 -1.80 7.93 -18.92
C GLN A 243 -1.88 8.85 -20.11
N THR A 244 -0.91 9.76 -20.17
CA THR A 244 -0.85 10.84 -21.12
C THR A 244 0.62 11.14 -21.32
N LYS A 245 1.01 11.41 -22.55
CA LYS A 245 2.40 11.75 -22.88
C LYS A 245 2.47 12.77 -24.00
N ALA A 246 2.74 14.03 -23.68
CA ALA A 246 2.91 15.06 -24.71
C ALA A 246 4.33 15.12 -25.28
N CYS A 247 5.34 14.99 -24.42
CA CYS A 247 6.73 15.14 -24.87
C CYS A 247 7.07 14.16 -26.00
N PRO A 248 7.84 14.61 -26.99
CA PRO A 248 8.16 13.70 -28.09
C PRO A 248 9.01 12.51 -27.63
N GLY B 1 -9.05 7.80 23.33
CA GLY B 1 -7.81 7.52 24.10
C GLY B 1 -6.85 6.63 23.32
N SER B 2 -5.56 6.82 23.58
CA SER B 2 -4.51 5.95 23.03
C SER B 2 -3.58 5.53 24.17
N ALA B 3 -2.73 4.55 23.89
CA ALA B 3 -1.80 4.04 24.90
C ALA B 3 -0.68 3.31 24.20
N ARG B 4 0.36 2.94 24.95
CA ARG B 4 1.47 2.14 24.42
C ARG B 4 1.24 0.67 24.75
N LEU B 5 1.78 -0.22 23.93
CA LEU B 5 1.66 -1.66 24.17
C LEU B 5 2.75 -2.25 25.07
N LYS B 6 3.62 -1.41 25.59
CA LYS B 6 4.71 -1.89 26.46
C LYS B 6 4.14 -2.58 27.69
N GLY B 7 4.49 -3.84 27.90
CA GLY B 7 4.04 -4.57 29.07
C GLY B 7 2.74 -5.37 28.87
N ILE B 8 2.08 -5.13 27.75
CA ILE B 8 0.79 -5.77 27.49
C ILE B 8 0.98 -7.14 26.82
N THR B 9 0.22 -8.15 27.25
CA THR B 9 0.21 -9.43 26.53
C THR B 9 -0.77 -9.40 25.37
N LEU B 10 -0.31 -9.75 24.18
CA LEU B 10 -1.18 -9.85 23.01
C LEU B 10 -1.31 -11.28 22.54
N ARG B 11 -2.56 -11.75 22.43
CA ARG B 11 -2.81 -12.99 21.72
C ARG B 11 -2.75 -12.65 20.22
N ILE B 12 -1.76 -13.21 19.54
CA ILE B 12 -1.52 -12.92 18.12
C ILE B 12 -1.90 -14.13 17.31
N GLY B 13 -2.96 -14.02 16.52
CA GLY B 13 -3.37 -15.12 15.65
C GLY B 13 -2.49 -15.16 14.43
N VAL B 14 -2.05 -16.36 14.08
CA VAL B 14 -1.34 -16.59 12.83
C VAL B 14 -1.98 -17.76 12.11
N ILE B 15 -1.69 -17.86 10.82
CA ILE B 15 -2.30 -18.87 9.95
C ILE B 15 -1.20 -19.44 9.03
N GLU B 16 -1.18 -20.76 8.87
CA GLU B 16 -0.15 -21.45 8.10
C GLU B 16 -0.13 -21.00 6.65
N SER B 17 1.04 -20.59 6.17
CA SER B 17 1.28 -20.19 4.79
C SER B 17 2.77 -19.98 4.59
N VAL B 18 3.42 -20.89 3.89
CA VAL B 18 4.87 -20.78 3.69
CA VAL B 18 4.85 -20.79 3.68
C VAL B 18 5.16 -19.69 2.67
N PRO B 19 6.15 -18.84 2.96
CA PRO B 19 7.09 -18.80 4.08
C PRO B 19 6.75 -17.66 5.07
N PHE B 20 5.50 -17.24 5.07
CA PHE B 20 5.01 -16.28 6.06
C PHE B 20 4.99 -16.91 7.43
N THR B 21 4.33 -18.07 7.51
CA THR B 21 4.22 -18.78 8.77
C THR B 21 4.35 -20.25 8.48
N ILE B 22 5.48 -20.79 8.91
CA ILE B 22 5.89 -22.15 8.62
C ILE B 22 5.74 -22.97 9.88
N VAL B 23 5.00 -24.06 9.76
CA VAL B 23 4.72 -24.92 10.90
C VAL B 23 5.50 -26.21 10.73
N ALA B 24 6.39 -26.53 11.68
CA ALA B 24 7.16 -27.74 11.67
C ALA B 24 6.83 -28.58 12.90
N ASN B 25 6.69 -29.89 12.72
CA ASN B 25 6.56 -30.79 13.85
C ASN B 25 7.93 -31.33 14.16
N VAL B 26 8.38 -31.13 15.40
CA VAL B 26 9.66 -31.66 15.86
C VAL B 26 9.47 -32.47 17.11
N ILE B 27 10.55 -33.10 17.57
CA ILE B 27 10.47 -33.99 18.72
C ILE B 27 11.68 -33.86 19.64
N ASN B 33 8.14 -33.95 21.47
CA ASN B 33 7.11 -33.84 20.43
C ASN B 33 6.31 -32.53 20.47
N THR B 34 6.70 -31.56 19.64
CA THR B 34 6.07 -30.24 19.66
C THR B 34 6.03 -29.62 18.27
N THR B 35 5.43 -28.45 18.17
CA THR B 35 5.47 -27.72 16.92
C THR B 35 6.27 -26.45 17.13
N LYS B 36 6.90 -26.01 16.05
CA LYS B 36 7.79 -24.87 16.03
C LYS B 36 7.41 -24.00 14.85
N LEU B 37 7.17 -22.72 15.12
CA LEU B 37 6.77 -21.76 14.09
C LEU B 37 7.96 -20.95 13.61
N THR B 38 8.10 -20.79 12.30
CA THR B 38 9.08 -19.86 11.76
C THR B 38 8.52 -19.09 10.57
N GLY B 39 9.28 -18.11 10.08
CA GLY B 39 8.93 -17.42 8.85
C GLY B 39 8.96 -15.91 8.99
N TYR B 40 8.56 -15.25 7.92
CA TYR B 40 8.53 -13.82 7.86
C TYR B 40 7.67 -13.25 8.99
N VAL B 41 6.53 -13.88 9.28
CA VAL B 41 5.61 -13.38 10.28
C VAL B 41 6.19 -13.46 11.68
N LEU B 42 6.81 -14.58 11.97
CA LEU B 42 7.42 -14.77 13.27
C LEU B 42 8.58 -13.78 13.50
N ASP B 43 9.37 -13.54 12.47
CA ASP B 43 10.47 -12.59 12.56
C ASP B 43 9.88 -11.18 12.75
N LEU B 44 8.83 -10.89 12.00
CA LEU B 44 8.19 -9.58 12.13
C LEU B 44 7.70 -9.36 13.56
N ILE B 45 7.04 -10.37 14.13
CA ILE B 45 6.59 -10.27 15.50
C ILE B 45 7.76 -9.93 16.42
N GLU B 46 8.91 -10.59 16.19
N GLU B 46 8.91 -10.56 16.22
CA GLU B 46 10.10 -10.38 17.01
CA GLU B 46 10.01 -10.34 17.12
C GLU B 46 10.50 -8.92 16.96
C GLU B 46 10.59 -8.92 16.97
N TYR B 47 10.60 -8.36 15.75
CA TYR B 47 11.03 -6.98 15.59
C TYR B 47 10.07 -6.04 16.32
N LEU B 48 8.78 -6.27 16.13
CA LEU B 48 7.77 -5.46 16.77
C LEU B 48 7.87 -5.56 18.30
N ARG B 49 7.96 -6.79 18.79
CA ARG B 49 8.07 -7.06 20.23
C ARG B 49 9.26 -6.33 20.83
N ASP B 50 10.39 -6.36 20.11
N ASP B 50 10.37 -6.35 20.10
CA ASP B 50 11.60 -5.71 20.60
CA ASP B 50 11.61 -5.73 20.58
C ASP B 50 11.39 -4.21 20.74
C ASP B 50 11.48 -4.21 20.68
N LYS B 51 10.76 -3.60 19.73
CA LYS B 51 10.59 -2.14 19.72
C LYS B 51 9.46 -1.68 20.63
N MET B 52 8.42 -2.49 20.79
CA MET B 52 7.23 -2.04 21.48
C MET B 52 7.06 -2.58 22.89
N GLY B 53 7.74 -3.68 23.20
CA GLY B 53 7.74 -4.22 24.55
C GLY B 53 6.52 -5.01 24.98
N PHE B 54 5.66 -5.43 24.05
CA PHE B 54 4.54 -6.33 24.42
C PHE B 54 5.04 -7.78 24.66
N VAL B 55 4.20 -8.59 25.29
CA VAL B 55 4.47 -10.01 25.43
C VAL B 55 3.64 -10.73 24.37
N ALA B 56 4.31 -11.48 23.50
CA ALA B 56 3.64 -12.17 22.40
C ALA B 56 3.14 -13.56 22.79
N ASP B 57 1.83 -13.75 22.74
CA ASP B 57 1.22 -15.08 22.89
C ASP B 57 0.73 -15.51 21.50
N VAL B 58 1.60 -16.21 20.77
CA VAL B 58 1.35 -16.53 19.37
C VAL B 58 0.50 -17.79 19.29
N GLN B 59 -0.61 -17.70 18.58
CA GLN B 59 -1.58 -18.77 18.53
CA GLN B 59 -1.57 -18.78 18.52
C GLN B 59 -1.90 -19.09 17.08
N LEU B 60 -1.58 -20.30 16.67
CA LEU B 60 -1.79 -20.76 15.32
C LEU B 60 -3.25 -21.10 15.12
N ALA B 61 -3.86 -20.56 14.07
CA ALA B 61 -5.23 -20.88 13.76
C ALA B 61 -5.34 -22.37 13.42
N PRO B 62 -6.45 -23.00 13.82
CA PRO B 62 -6.70 -24.42 13.53
C PRO B 62 -6.59 -24.76 12.06
N PRO B 63 -6.29 -26.02 11.75
CA PRO B 63 -6.17 -26.40 10.34
C PRO B 63 -7.48 -26.11 9.57
N ASN B 64 -7.35 -25.65 8.34
CA ASN B 64 -8.50 -25.32 7.50
C ASN B 64 -9.26 -24.04 7.91
N THR B 65 -8.85 -23.38 8.98
CA THR B 65 -9.37 -22.04 9.24
C THR B 65 -9.12 -21.25 7.97
N SER B 66 -10.14 -20.56 7.49
CA SER B 66 -9.98 -19.69 6.33
C SER B 66 -9.48 -18.32 6.76
N TYR B 67 -9.11 -17.47 5.79
CA TYR B 67 -8.68 -16.11 6.10
C TYR B 67 -9.85 -15.31 6.64
N THR B 68 -11.01 -15.46 6.04
CA THR B 68 -12.18 -14.81 6.58
C THR B 68 -12.46 -15.34 8.01
N GLY B 69 -12.23 -16.62 8.24
CA GLY B 69 -12.52 -17.21 9.54
C GLY B 69 -11.62 -16.60 10.62
N LEU B 70 -10.37 -16.35 10.25
CA LEU B 70 -9.39 -15.76 11.15
C LEU B 70 -9.84 -14.36 11.55
N VAL B 71 -10.28 -13.57 10.57
CA VAL B 71 -10.78 -12.22 10.83
C VAL B 71 -12.01 -12.26 11.75
N LEU B 72 -12.94 -13.16 11.46
CA LEU B 72 -14.14 -13.31 12.29
C LEU B 72 -13.81 -13.78 13.69
N ALA B 73 -12.81 -14.65 13.82
CA ALA B 73 -12.39 -15.13 15.14
C ALA B 73 -11.87 -13.94 15.97
N LEU B 74 -11.09 -13.08 15.32
CA LEU B 74 -10.56 -11.90 16.01
C LEU B 74 -11.71 -10.97 16.40
N ALA B 75 -12.64 -10.74 15.47
CA ALA B 75 -13.78 -9.87 15.75
C ALA B 75 -14.60 -10.42 16.92
N ASN B 76 -14.57 -11.74 17.11
CA ASN B 76 -15.34 -12.35 18.20
C ASN B 76 -14.52 -12.37 19.50
N GLY B 77 -13.29 -11.87 19.43
CA GLY B 77 -12.45 -11.74 20.62
C GLY B 77 -11.51 -12.92 20.90
N ASP B 78 -11.28 -13.79 19.93
CA ASP B 78 -10.43 -14.96 20.15
C ASP B 78 -8.94 -14.60 20.11
N TYR B 79 -8.63 -13.45 19.52
CA TYR B 79 -7.27 -12.95 19.45
C TYR B 79 -7.33 -11.47 19.67
N ASP B 80 -6.21 -10.86 20.04
CA ASP B 80 -6.09 -9.42 20.09
C ASP B 80 -5.70 -8.79 18.73
N ILE B 81 -4.73 -9.39 18.03
CA ILE B 81 -4.39 -9.00 16.66
C ILE B 81 -4.15 -10.30 15.86
N ALA B 82 -4.10 -10.18 14.54
CA ALA B 82 -3.77 -11.28 13.68
C ALA B 82 -2.80 -10.80 12.62
N ILE B 83 -1.73 -11.56 12.42
CA ILE B 83 -0.67 -11.12 11.54
C ILE B 83 -0.40 -12.20 10.49
N GLY B 84 -0.45 -11.82 9.22
CA GLY B 84 -0.18 -12.76 8.16
C GLY B 84 -0.33 -12.15 6.79
N ASP B 85 -0.49 -13.02 5.81
CA ASP B 85 -0.73 -12.60 4.45
C ASP B 85 -2.22 -12.36 4.29
N ILE B 86 -2.73 -11.38 5.02
CA ILE B 86 -4.15 -11.16 5.15
C ILE B 86 -4.53 -9.91 4.42
N THR B 87 -5.39 -10.08 3.40
CA THR B 87 -5.70 -9.00 2.49
C THR B 87 -6.70 -8.07 3.11
N VAL B 88 -6.45 -6.77 2.97
CA VAL B 88 -7.40 -5.76 3.45
C VAL B 88 -8.53 -5.66 2.43
N THR B 89 -9.75 -5.96 2.86
CA THR B 89 -10.92 -5.83 1.98
C THR B 89 -12.02 -4.99 2.63
N SER B 90 -12.90 -4.44 1.81
CA SER B 90 -13.97 -3.62 2.30
C SER B 90 -14.87 -4.39 3.28
N ALA B 91 -15.22 -5.64 2.95
CA ALA B 91 -16.12 -6.38 3.83
C ALA B 91 -15.46 -6.66 5.16
N ARG B 92 -14.15 -6.89 5.16
CA ARG B 92 -13.49 -7.16 6.40
C ARG B 92 -13.36 -5.86 7.23
N ARG B 93 -13.11 -4.76 6.54
CA ARG B 93 -12.92 -3.47 7.22
C ARG B 93 -14.21 -3.01 7.94
N GLU B 94 -15.35 -3.56 7.50
N GLU B 94 -15.36 -3.53 7.51
CA GLU B 94 -16.63 -3.29 8.11
CA GLU B 94 -16.60 -3.23 8.21
C GLU B 94 -16.74 -3.88 9.52
C GLU B 94 -16.56 -3.73 9.65
N ILE B 95 -15.91 -4.87 9.85
CA ILE B 95 -16.01 -5.55 11.13
C ILE B 95 -14.73 -5.52 11.96
N VAL B 96 -13.59 -5.24 11.33
CA VAL B 96 -12.32 -5.06 12.03
C VAL B 96 -11.53 -3.88 11.46
N ALA B 97 -10.50 -3.45 12.17
CA ALA B 97 -9.58 -2.46 11.63
C ALA B 97 -8.33 -3.18 11.14
N PHE B 98 -7.55 -2.46 10.36
CA PHE B 98 -6.25 -2.96 9.87
C PHE B 98 -5.19 -1.92 10.15
N SER B 99 -4.00 -2.38 10.50
CA SER B 99 -2.85 -1.51 10.64
C SER B 99 -2.48 -0.94 9.30
N ASN B 100 -1.54 0.00 9.30
CA ASN B 100 -0.89 0.38 8.05
CA ASN B 100 -0.89 0.39 8.07
C ASN B 100 -0.37 -0.87 7.37
N SER B 101 -0.34 -0.83 6.04
N SER B 101 -0.36 -0.86 6.04
CA SER B 101 0.07 -1.96 5.21
CA SER B 101 -0.04 -2.06 5.28
C SER B 101 1.46 -2.48 5.57
C SER B 101 1.41 -2.50 5.49
N ILE B 102 1.61 -3.81 5.63
CA ILE B 102 2.93 -4.36 5.82
C ILE B 102 3.48 -4.80 4.47
N SER B 103 2.67 -4.72 3.42
CA SER B 103 3.12 -5.14 2.08
C SER B 103 2.08 -4.85 1.02
N ASP B 104 2.55 -4.52 -0.19
N ASP B 104 2.51 -4.48 -0.18
CA ASP B 104 1.67 -4.51 -1.34
CA ASP B 104 1.56 -4.44 -1.28
C ASP B 104 1.28 -5.94 -1.69
C ASP B 104 1.27 -5.90 -1.69
N ASN B 105 0.25 -6.10 -2.51
CA ASN B 105 -0.18 -7.44 -2.95
C ASN B 105 -0.95 -7.34 -4.27
N SER B 106 -0.97 -8.47 -4.98
CA SER B 106 -1.90 -8.69 -6.04
C SER B 106 -2.00 -10.21 -6.22
N MET B 107 -2.83 -10.67 -7.15
CA MET B 107 -3.00 -12.12 -7.37
C MET B 107 -2.55 -12.52 -8.75
N ARG B 108 -2.29 -13.81 -8.90
CA ARG B 108 -1.97 -14.37 -10.19
C ARG B 108 -2.74 -15.69 -10.35
N ILE B 109 -2.89 -16.09 -11.60
CA ILE B 109 -3.50 -17.34 -11.94
C ILE B 109 -2.49 -18.46 -11.87
N LEU B 110 -2.87 -19.52 -11.14
CA LEU B 110 -2.02 -20.67 -10.94
C LEU B 110 -2.58 -21.85 -11.73
N MET B 111 -1.71 -22.59 -12.41
CA MET B 111 -2.10 -23.75 -13.21
C MET B 111 -0.98 -24.79 -13.34
N ARG B 112 -1.31 -25.97 -13.90
CA ARG B 112 -0.29 -26.93 -14.30
C ARG B 112 0.38 -26.49 -15.59
N LYS B 113 1.68 -26.76 -15.71
CA LYS B 113 2.34 -26.53 -16.97
C LYS B 113 1.65 -27.34 -18.05
N GLY B 114 1.48 -26.73 -19.23
CA GLY B 114 0.89 -27.43 -20.37
C GLY B 114 -0.59 -27.13 -20.55
N THR B 115 -1.22 -26.59 -19.52
CA THR B 115 -2.60 -26.14 -19.63
C THR B 115 -2.73 -24.94 -20.55
N LEU B 116 -3.69 -25.00 -21.47
CA LEU B 116 -3.82 -23.97 -22.48
C LEU B 116 -4.68 -22.76 -22.03
N ILE B 117 -4.13 -22.01 -21.10
CA ILE B 117 -4.71 -20.77 -20.59
C ILE B 117 -3.72 -19.61 -20.73
N ASP B 118 -4.17 -18.49 -21.32
CA ASP B 118 -3.32 -17.32 -21.58
C ASP B 118 -3.44 -16.27 -20.48
N GLY B 119 -4.59 -16.21 -19.82
CA GLY B 119 -4.79 -15.23 -18.78
C GLY B 119 -6.24 -15.15 -18.35
N MET B 120 -6.58 -14.06 -17.69
CA MET B 120 -7.89 -13.91 -17.07
C MET B 120 -9.04 -13.86 -18.10
N ASP B 121 -8.78 -13.36 -19.31
CA ASP B 121 -9.83 -13.31 -20.32
C ASP B 121 -10.38 -14.70 -20.63
N ASP B 122 -9.53 -15.71 -20.54
CA ASP B 122 -9.99 -17.06 -20.81
C ASP B 122 -11.00 -17.50 -19.75
N LEU B 123 -10.81 -17.06 -18.50
CA LEU B 123 -11.78 -17.35 -17.45
C LEU B 123 -13.08 -16.57 -17.59
N LYS B 124 -12.97 -15.31 -17.99
CA LYS B 124 -14.13 -14.45 -18.12
C LYS B 124 -14.90 -14.72 -19.39
N ASN B 125 -14.31 -15.45 -20.33
CA ASN B 125 -15.00 -15.79 -21.56
C ASN B 125 -15.46 -17.25 -21.63
N GLY B 126 -15.41 -17.94 -20.50
CA GLY B 126 -15.99 -19.26 -20.40
C GLY B 126 -15.22 -20.34 -21.13
N LYS B 127 -13.92 -20.16 -21.31
CA LYS B 127 -13.10 -21.21 -21.93
C LYS B 127 -12.90 -22.36 -20.95
N ILE B 128 -12.91 -22.05 -19.65
CA ILE B 128 -12.83 -23.08 -18.60
C ILE B 128 -14.21 -23.32 -17.94
N PRO B 129 -14.64 -24.59 -17.86
CA PRO B 129 -15.88 -24.81 -17.11
C PRO B 129 -15.76 -24.27 -15.68
N TYR B 130 -16.83 -23.69 -15.16
CA TYR B 130 -16.71 -23.03 -13.85
C TYR B 130 -16.32 -24.02 -12.74
N ASN B 131 -16.80 -25.26 -12.80
CA ASN B 131 -16.46 -26.22 -11.76
C ASN B 131 -15.02 -26.76 -11.90
N ARG B 132 -14.27 -26.20 -12.85
CA ARG B 132 -12.84 -26.51 -12.97
C ARG B 132 -11.97 -25.31 -12.60
N ILE B 133 -12.60 -24.28 -12.06
CA ILE B 133 -11.89 -23.18 -11.46
C ILE B 133 -11.96 -23.40 -9.97
N GLY B 134 -10.82 -23.74 -9.37
CA GLY B 134 -10.76 -23.98 -7.93
C GLY B 134 -10.61 -22.68 -7.18
N ILE B 135 -11.44 -22.46 -6.15
CA ILE B 135 -11.37 -21.24 -5.35
C ILE B 135 -11.39 -21.58 -3.85
N ARG B 136 -10.44 -21.02 -3.11
CA ARG B 136 -10.40 -21.24 -1.68
C ARG B 136 -11.46 -20.38 -1.05
N ILE B 137 -12.41 -21.01 -0.39
CA ILE B 137 -13.47 -20.26 0.26
C ILE B 137 -12.90 -19.43 1.42
N GLY B 138 -13.51 -18.28 1.66
CA GLY B 138 -13.08 -17.35 2.71
C GLY B 138 -11.77 -16.66 2.41
N THR B 139 -11.55 -16.35 1.14
CA THR B 139 -10.38 -15.63 0.72
C THR B 139 -10.78 -14.49 -0.20
N ALA B 140 -9.87 -13.55 -0.35
CA ALA B 140 -10.07 -12.45 -1.28
C ALA B 140 -10.20 -12.96 -2.72
N GLY B 141 -9.60 -14.11 -3.03
CA GLY B 141 -9.77 -14.67 -4.34
C GLY B 141 -11.22 -15.04 -4.60
N GLU B 142 -11.89 -15.56 -3.60
CA GLU B 142 -13.31 -15.81 -3.68
C GLU B 142 -14.14 -14.53 -3.95
N ASP B 143 -13.83 -13.44 -3.25
CA ASP B 143 -14.52 -12.17 -3.51
C ASP B 143 -14.33 -11.75 -4.96
N TYR B 144 -13.11 -11.83 -5.44
CA TYR B 144 -12.83 -11.40 -6.79
C TYR B 144 -13.64 -12.26 -7.76
N TYR B 145 -13.56 -13.56 -7.60
CA TYR B 145 -14.31 -14.46 -8.48
C TYR B 145 -15.78 -14.13 -8.53
N LEU B 146 -16.38 -14.02 -7.37
CA LEU B 146 -17.80 -13.70 -7.30
C LEU B 146 -18.16 -12.33 -7.91
N ARG B 147 -17.23 -11.39 -7.83
CA ARG B 147 -17.50 -10.04 -8.32
C ARG B 147 -17.25 -9.93 -9.83
N GLU B 148 -16.22 -10.59 -10.33
CA GLU B 148 -15.70 -10.32 -11.66
C GLU B 148 -15.93 -11.45 -12.66
N ILE B 149 -16.07 -12.68 -12.19
CA ILE B 149 -16.23 -13.82 -13.09
CA ILE B 149 -16.23 -13.82 -13.09
C ILE B 149 -17.67 -14.34 -13.15
N SER B 150 -18.24 -14.66 -12.00
CA SER B 150 -19.48 -15.44 -11.96
C SER B 150 -20.71 -14.64 -11.63
N GLY B 151 -20.55 -13.34 -11.40
CA GLY B 151 -21.68 -12.48 -11.13
C GLY B 151 -22.47 -12.96 -9.93
N GLY B 152 -21.77 -13.42 -8.90
CA GLY B 152 -22.41 -13.76 -7.65
C GLY B 152 -22.68 -15.24 -7.37
N SER B 153 -22.60 -16.08 -8.40
N SER B 153 -22.63 -16.07 -8.40
CA SER B 153 -22.87 -17.51 -8.24
CA SER B 153 -22.92 -17.50 -8.20
C SER B 153 -21.65 -18.25 -7.74
C SER B 153 -21.67 -18.28 -7.76
N ARG B 154 -21.86 -19.10 -6.73
CA ARG B 154 -20.78 -19.94 -6.23
C ARG B 154 -20.65 -21.21 -7.07
N ASN B 155 -20.23 -21.06 -8.32
CA ASN B 155 -20.21 -22.22 -9.21
C ASN B 155 -18.78 -22.70 -9.47
N PHE B 156 -17.84 -22.15 -8.71
CA PHE B 156 -16.47 -22.62 -8.67
C PHE B 156 -16.37 -23.95 -7.91
N TYR B 157 -15.21 -24.60 -8.04
CA TYR B 157 -14.88 -25.80 -7.29
C TYR B 157 -14.32 -25.29 -5.96
N PRO B 158 -15.00 -25.57 -4.83
CA PRO B 158 -14.58 -25.03 -3.52
C PRO B 158 -13.34 -25.74 -2.97
N LEU B 159 -12.42 -24.98 -2.39
CA LEU B 159 -11.19 -25.52 -1.80
C LEU B 159 -11.10 -25.07 -0.37
N LYS B 160 -10.72 -25.98 0.51
CA LYS B 160 -10.64 -25.71 1.95
C LYS B 160 -9.28 -25.19 2.41
N SER B 161 -8.29 -25.26 1.52
CA SER B 161 -6.90 -24.95 1.88
C SER B 161 -6.01 -24.86 0.63
N ARG B 162 -4.84 -24.27 0.81
CA ARG B 162 -3.83 -24.28 -0.23
C ARG B 162 -3.46 -25.71 -0.62
N GLN B 163 -3.32 -26.59 0.35
CA GLN B 163 -2.93 -27.96 0.04
C GLN B 163 -3.96 -28.61 -0.89
N GLU B 164 -5.24 -28.33 -0.66
CA GLU B 164 -6.28 -28.92 -1.51
C GLU B 164 -6.13 -28.35 -2.93
N MET B 165 -5.78 -27.08 -3.01
CA MET B 165 -5.60 -26.40 -4.28
C MET B 165 -4.48 -27.06 -5.09
N TYR B 166 -3.33 -27.25 -4.47
CA TYR B 166 -2.22 -27.90 -5.15
C TYR B 166 -2.62 -29.32 -5.58
N ASP B 167 -3.17 -30.08 -4.64
CA ASP B 167 -3.51 -31.47 -4.92
C ASP B 167 -4.51 -31.57 -6.07
N SER B 168 -5.47 -30.64 -6.10
CA SER B 168 -6.54 -30.68 -7.10
C SER B 168 -6.01 -30.35 -8.48
N LEU B 169 -5.06 -29.41 -8.54
CA LEU B 169 -4.39 -29.07 -9.79
C LEU B 169 -3.59 -30.26 -10.30
N LEU B 170 -2.81 -30.86 -9.41
CA LEU B 170 -1.93 -31.93 -9.79
C LEU B 170 -2.69 -33.20 -10.19
N ALA B 171 -3.88 -33.40 -9.62
CA ALA B 171 -4.69 -34.56 -9.99
C ALA B 171 -5.59 -34.27 -11.20
N GLY B 172 -5.59 -33.04 -11.67
CA GLY B 172 -6.38 -32.65 -12.82
C GLY B 172 -7.87 -32.52 -12.54
N ILE B 173 -8.22 -32.38 -11.28
CA ILE B 173 -9.61 -32.17 -10.89
C ILE B 173 -10.05 -30.71 -11.16
N ILE B 174 -9.10 -29.78 -11.09
CA ILE B 174 -9.30 -28.43 -11.55
C ILE B 174 -8.21 -27.98 -12.51
N ASP B 175 -8.48 -26.92 -13.27
CA ASP B 175 -7.55 -26.42 -14.27
C ASP B 175 -6.80 -25.18 -13.83
N VAL B 176 -7.40 -24.36 -12.97
CA VAL B 176 -6.76 -23.14 -12.49
C VAL B 176 -7.23 -22.79 -11.08
N SER B 177 -6.44 -21.99 -10.38
CA SER B 177 -6.91 -21.33 -9.16
C SER B 177 -6.18 -19.98 -9.07
N PHE B 178 -6.39 -19.24 -7.98
CA PHE B 178 -5.81 -17.91 -7.78
C PHE B 178 -4.96 -17.92 -6.51
N MET B 179 -3.83 -17.22 -6.53
CA MET B 179 -2.97 -17.07 -5.34
C MET B 179 -2.43 -15.65 -5.29
N ASP B 180 -2.10 -15.21 -4.08
CA ASP B 180 -1.40 -13.96 -3.89
C ASP B 180 -0.05 -14.11 -4.54
N ILE B 181 0.48 -13.03 -5.08
CA ILE B 181 1.71 -13.07 -5.88
C ILE B 181 2.97 -13.55 -5.14
N GLY B 182 3.15 -13.16 -3.88
CA GLY B 182 4.33 -13.54 -3.12
C GLY B 182 4.46 -15.02 -2.92
N THR B 183 3.41 -15.61 -2.41
CA THR B 183 3.37 -17.04 -2.16
C THR B 183 3.27 -17.83 -3.47
N ALA B 184 2.58 -17.27 -4.45
CA ALA B 184 2.47 -17.93 -5.75
C ALA B 184 3.85 -18.14 -6.36
N GLU B 185 4.64 -17.07 -6.32
CA GLU B 185 5.99 -17.15 -6.82
C GLU B 185 6.79 -18.11 -5.96
N TYR B 186 6.61 -18.05 -4.64
CA TYR B 186 7.45 -18.89 -3.78
C TYR B 186 7.18 -20.38 -4.02
N VAL B 187 5.91 -20.72 -4.15
N VAL B 187 5.91 -20.79 -4.10
CA VAL B 187 5.46 -22.11 -4.22
CA VAL B 187 5.62 -22.23 -4.22
C VAL B 187 5.78 -22.77 -5.57
C VAL B 187 5.93 -22.79 -5.60
N THR B 188 5.73 -21.99 -6.64
CA THR B 188 6.01 -22.47 -7.99
C THR B 188 7.51 -22.45 -8.27
N ASN B 189 8.25 -21.70 -7.45
CA ASN B 189 9.70 -21.69 -7.58
C ASN B 189 10.41 -22.64 -6.64
N ASN B 190 9.73 -23.11 -5.60
CA ASN B 190 10.44 -23.87 -4.58
C ASN B 190 9.86 -25.21 -4.22
N ILE B 191 8.59 -25.41 -4.54
CA ILE B 191 7.91 -26.61 -4.11
C ILE B 191 7.30 -27.40 -5.25
N TYR B 192 6.44 -26.75 -6.01
CA TYR B 192 5.70 -27.42 -7.08
C TYR B 192 6.24 -27.02 -8.45
N CYS B 193 7.31 -27.71 -8.86
CA CYS B 193 7.98 -27.37 -10.10
C CYS B 193 7.11 -27.57 -11.33
N ASN B 194 6.00 -28.30 -11.20
CA ASN B 194 5.19 -28.63 -12.37
C ASN B 194 3.97 -27.71 -12.46
N LEU B 195 3.87 -26.79 -11.51
CA LEU B 195 2.84 -25.75 -11.54
C LEU B 195 3.49 -24.45 -11.98
N THR B 196 2.70 -23.51 -12.45
CA THR B 196 3.24 -22.27 -12.98
C THR B 196 2.20 -21.16 -12.93
N LEU B 197 2.62 -19.92 -13.17
CA LEU B 197 1.70 -18.76 -13.11
C LEU B 197 1.50 -18.27 -14.54
N VAL B 198 0.33 -17.71 -14.83
CA VAL B 198 0.09 -17.17 -16.17
C VAL B 198 -0.71 -15.89 -16.10
N GLY B 199 -0.58 -15.02 -17.10
CA GLY B 199 -1.42 -13.83 -17.17
C GLY B 199 -0.88 -12.65 -16.38
N GLU B 200 -1.53 -11.51 -16.53
CA GLU B 200 -1.16 -10.35 -15.72
C GLU B 200 -1.68 -10.53 -14.31
N ASP B 201 -1.04 -9.85 -13.36
CA ASP B 201 -1.54 -9.89 -12.01
C ASP B 201 -2.80 -9.00 -11.92
N PHE B 202 -3.60 -9.24 -10.89
CA PHE B 202 -4.91 -8.58 -10.79
C PHE B 202 -5.28 -8.37 -9.34
N ASP B 203 -6.28 -7.53 -9.12
CA ASP B 203 -6.74 -7.23 -7.77
C ASP B 203 -5.59 -6.68 -6.88
N LYS B 204 -5.00 -5.57 -7.31
CA LYS B 204 -3.99 -4.89 -6.50
C LYS B 204 -4.58 -4.59 -5.13
N SER B 205 -3.82 -4.87 -4.08
CA SER B 205 -4.33 -4.78 -2.73
C SER B 205 -3.16 -4.65 -1.76
N THR B 206 -3.45 -4.85 -0.48
CA THR B 206 -2.40 -4.74 0.55
C THR B 206 -2.68 -5.79 1.62
N PHE B 207 -1.63 -6.18 2.32
CA PHE B 207 -1.72 -6.97 3.53
C PHE B 207 -1.64 -6.01 4.73
N GLY B 208 -2.46 -6.25 5.75
CA GLY B 208 -2.42 -5.46 6.96
C GLY B 208 -2.59 -6.34 8.16
N ILE B 209 -2.13 -5.88 9.33
CA ILE B 209 -2.40 -6.57 10.56
C ILE B 209 -3.82 -6.26 11.01
N VAL B 210 -4.53 -7.29 11.44
CA VAL B 210 -5.91 -7.17 11.84
C VAL B 210 -5.91 -6.75 13.28
N THR B 211 -6.65 -5.70 13.57
CA THR B 211 -6.92 -5.33 14.94
C THR B 211 -8.41 -5.11 15.23
N PRO B 212 -8.76 -5.01 16.51
CA PRO B 212 -10.15 -4.63 16.78
C PRO B 212 -10.46 -3.21 16.25
N LYS B 213 -11.74 -2.93 15.88
CA LYS B 213 -12.13 -1.56 15.53
C LYS B 213 -11.90 -0.62 16.70
N GLU B 214 -11.47 0.60 16.40
CA GLU B 214 -11.30 1.63 17.41
C GLU B 214 -10.35 1.18 18.55
N TRP B 215 -9.23 0.60 18.15
CA TRP B 215 -8.30 0.00 19.09
C TRP B 215 -7.45 1.00 19.84
N LEU B 216 -7.30 0.76 21.13
CA LEU B 216 -6.52 1.65 22.01
C LEU B 216 -5.10 1.83 21.51
N TYR B 217 -4.55 0.79 20.89
CA TYR B 217 -3.14 0.77 20.55
C TYR B 217 -2.83 1.03 19.09
N ALA B 218 -3.81 1.48 18.33
CA ALA B 218 -3.65 1.58 16.88
C ALA B 218 -2.44 2.40 16.50
N LYS B 219 -2.27 3.57 17.13
CA LYS B 219 -1.19 4.48 16.74
C LYS B 219 0.18 3.87 17.02
N ASP B 220 0.34 3.31 18.21
CA ASP B 220 1.63 2.70 18.56
C ASP B 220 1.99 1.62 17.50
N LEU B 221 1.03 0.80 17.10
CA LEU B 221 1.34 -0.27 16.15
C LEU B 221 1.69 0.32 14.79
N ASP B 222 0.90 1.30 14.33
CA ASP B 222 1.09 1.91 13.02
C ASP B 222 2.43 2.63 12.93
N VAL B 223 2.76 3.41 13.96
CA VAL B 223 4.02 4.12 13.96
C VAL B 223 5.21 3.16 13.87
N ASN B 224 5.15 2.04 14.57
CA ASN B 224 6.20 1.03 14.49
C ASN B 224 6.27 0.29 13.17
N ILE B 225 5.12 -0.05 12.59
CA ILE B 225 5.13 -0.66 11.26
C ILE B 225 5.75 0.28 10.23
N LEU B 226 5.35 1.54 10.25
CA LEU B 226 5.93 2.53 9.35
C LEU B 226 7.43 2.68 9.51
N SER B 227 7.92 2.65 10.74
CA SER B 227 9.34 2.76 10.99
CA SER B 227 9.35 2.76 10.99
C SER B 227 10.11 1.58 10.41
N LEU B 228 9.60 0.37 10.59
CA LEU B 228 10.20 -0.83 9.98
C LEU B 228 10.24 -0.72 8.45
N ARG B 229 9.22 -0.07 7.88
N ARG B 229 9.22 -0.11 7.84
CA ARG B 229 9.13 0.15 6.44
CA ARG B 229 9.28 0.09 6.40
C ARG B 229 10.21 1.14 5.97
C ARG B 229 10.42 1.07 6.10
N GLU B 230 10.32 2.24 6.71
CA GLU B 230 11.24 3.33 6.39
C GLU B 230 12.70 2.94 6.53
N THR B 231 13.02 2.13 7.53
CA THR B 231 14.39 1.77 7.74
C THR B 231 14.78 0.49 7.04
N GLY B 232 13.89 -0.07 6.21
CA GLY B 232 14.25 -1.15 5.30
C GLY B 232 14.16 -2.56 5.90
N ILE B 233 13.59 -2.68 7.09
CA ILE B 233 13.43 -3.97 7.75
C ILE B 233 12.42 -4.88 7.01
N LEU B 234 11.32 -4.31 6.55
CA LEU B 234 10.34 -5.12 5.86
C LEU B 234 10.93 -5.67 4.56
N ASP B 235 11.77 -4.89 3.88
CA ASP B 235 12.41 -5.36 2.66
C ASP B 235 13.38 -6.48 2.96
N ASN B 236 14.18 -6.30 4.02
CA ASN B 236 15.17 -7.30 4.37
C ASN B 236 14.48 -8.62 4.65
N LEU B 237 13.36 -8.55 5.37
CA LEU B 237 12.61 -9.72 5.73
C LEU B 237 12.05 -10.39 4.49
N LYS B 238 11.51 -9.58 3.57
CA LYS B 238 11.01 -10.13 2.31
C LYS B 238 12.14 -10.85 1.58
N LYS B 239 13.31 -10.24 1.53
CA LYS B 239 14.41 -10.82 0.81
C LYS B 239 14.83 -12.11 1.51
N LYS B 240 14.91 -12.08 2.82
CA LYS B 240 15.30 -13.27 3.56
C LYS B 240 14.41 -14.47 3.26
N TRP B 241 13.09 -14.30 3.26
CA TRP B 241 12.19 -15.45 3.19
C TRP B 241 11.72 -15.76 1.79
N PHE B 242 11.70 -14.76 0.91
CA PHE B 242 11.14 -14.99 -0.41
C PHE B 242 12.14 -15.12 -1.54
N GLN B 243 13.33 -14.56 -1.39
CA GLN B 243 14.30 -14.66 -2.48
C GLN B 243 15.02 -16.00 -2.54
N THR B 244 14.36 -16.99 -3.11
CA THR B 244 14.92 -18.31 -3.15
C THR B 244 14.20 -19.14 -4.22
N LYS B 245 14.95 -20.03 -4.87
N LYS B 245 14.95 -20.03 -4.87
CA LYS B 245 14.42 -20.92 -5.91
CA LYS B 245 14.41 -20.93 -5.89
C LYS B 245 15.16 -22.27 -5.92
C LYS B 245 15.14 -22.27 -5.91
N ALA B 246 14.44 -23.33 -5.57
CA ALA B 246 15.01 -24.67 -5.62
C ALA B 246 14.72 -25.38 -6.96
N CYS B 247 13.54 -25.14 -7.54
CA CYS B 247 13.15 -25.82 -8.75
C CYS B 247 14.19 -25.59 -9.85
N PRO B 248 14.47 -26.63 -10.65
CA PRO B 248 15.40 -26.40 -11.77
C PRO B 248 14.78 -25.39 -12.75
N SER C . 4.40 12.66 -1.34
CA SER C . 5.38 13.62 -0.72
C SER C . 5.02 13.91 0.71
O SER C . 3.88 13.59 1.17
CB SER C . 5.48 14.93 -1.52
OG SER C . 6.20 14.74 -2.72
OXT SER C . 5.88 14.48 1.41
H1 SER C . 4.73 12.36 -2.19
H2 SER C . 4.30 11.89 -0.77
H SER C . 3.54 13.08 -1.45
HA SER C . 6.27 13.21 -0.72
HB2 SER C . 4.58 15.24 -1.73
HB3 SER C . 5.94 15.59 -0.98
HG SER C . 6.44 13.95 -2.78
CL CL D . 6.70 14.75 -6.15
CL CL E . 19.88 3.74 -8.11
CL CL F . -4.71 7.37 16.02
CL CL G . 12.35 21.22 -19.90
C1 GOL H . 3.93 20.36 -11.44
O1 GOL H . 4.51 19.54 -10.43
C2 GOL H . 3.14 21.52 -10.81
O2 GOL H . 2.14 21.01 -9.92
C3 GOL H . 4.13 22.46 -10.12
O3 GOL H . 3.54 23.61 -9.54
H11 GOL H . 4.71 20.77 -12.08
H12 GOL H . 3.27 19.76 -12.05
HO1 GOL H . 4.96 18.78 -10.85
H2 GOL H . 2.66 22.07 -11.62
HO2 GOL H . 2.58 20.51 -9.20
H31 GOL H . 4.65 21.89 -9.34
H32 GOL H . 4.89 22.77 -10.84
HO3 GOL H . 4.14 23.97 -8.85
N SER I . -4.51 -13.04 1.25
CA SER I . -5.75 -13.80 1.05
C SER I . -6.86 -13.40 2.01
O SER I . -6.60 -12.68 2.99
CB SER I . -5.51 -15.31 1.22
OG SER I . -4.81 -15.82 0.09
OXT SER I . -8.01 -13.83 1.83
HA SER I . -6.07 -13.66 0.14
HB2 SER I . -4.97 -15.47 2.01
HB3 SER I . -6.35 -15.76 1.30
HG SER I . -4.66 -15.22 -0.44
CL CL J . -12.74 1.22 13.13
CL CL K . -2.23 -17.37 -1.78
CL CL L . -4.43 -11.71 -17.84
C1 GOL M . 2.21 -23.83 0.79
O1 GOL M . 1.34 -22.83 0.27
C2 GOL M . 1.86 -24.32 2.22
O2 GOL M . 1.74 -23.26 3.17
C3 GOL M . 0.57 -25.14 2.19
O3 GOL M . 0.11 -25.46 3.49
H11 GOL M . 2.21 -24.69 0.12
H12 GOL M . 3.23 -23.43 0.80
HO1 GOL M . 1.67 -22.53 -0.60
H2 GOL M . 2.66 -24.97 2.54
HO2 GOL M . 0.98 -22.68 2.93
H31 GOL M . -0.21 -24.59 1.66
H32 GOL M . 0.76 -26.07 1.63
HO3 GOL M . -0.73 -25.96 3.43
#